data_6ZRN
#
_entry.id   6ZRN
#
_cell.length_a   47.196
_cell.length_b   77.517
_cell.length_c   65.767
_cell.angle_alpha   90.000
_cell.angle_beta   90.070
_cell.angle_gamma   90.000
#
_symmetry.space_group_name_H-M   'P 1 21 1'
#
loop_
_entity.id
_entity.type
_entity.pdbx_description
1 polymer 'Ras-related protein Ral-B'
2 polymer 'RalA-binding protein 1'
3 non-polymer 'PHOSPHOAMINOPHOSPHONIC ACID-GUANYLATE ESTER'
4 non-polymer 'MAGNESIUM ION'
5 non-polymer GLYCEROL
6 water water
#
loop_
_entity_poly.entity_id
_entity_poly.type
_entity_poly.pdbx_seq_one_letter_code
_entity_poly.pdbx_strand_id
1 'polypeptide(L)'
;MAANKSKGQSSLALHKVIMVGSGGVGKSALTLQFMYDEFVEDYEPTKADSYRKKVVLDGEEVQIDILDTAGLEDYAAIRD
NYFRSGEGFLLVFSITEHESFTATAEFREQILRVKAEEDKIPLLVVGNKSDLEERRQVPVEEARSKAEEWGVQYVETSAK
TRANVDKVFFDLMREIRTKKMSENK
;
A,B
2 'polypeptide(L)' GPLGSETQAGIKEEIRRQEFLLNSLHRDLQGGIKDLSKESRMWEVLRILTALRRKLREA C,D
#
loop_
_chem_comp.id
_chem_comp.type
_chem_comp.name
_chem_comp.formula
GNP non-polymer 'PHOSPHOAMINOPHOSPHONIC ACID-GUANYLATE ESTER' 'C10 H17 N6 O13 P3'
GOL non-polymer GLYCEROL 'C3 H8 O3'
MG non-polymer 'MAGNESIUM ION' 'Mg 2'
#
# COMPACT_ATOMS: atom_id res chain seq x y z
N SER A 11 24.66 5.20 12.41
CA SER A 11 24.99 3.85 11.97
C SER A 11 24.07 3.39 10.84
N LEU A 12 24.64 2.70 9.85
CA LEU A 12 23.84 2.16 8.77
C LEU A 12 22.98 0.98 9.21
N ALA A 13 23.16 0.48 10.43
CA ALA A 13 22.38 -0.65 10.91
C ALA A 13 21.14 -0.23 11.68
N LEU A 14 20.96 1.06 11.97
CA LEU A 14 19.86 1.52 12.78
C LEU A 14 19.31 2.80 12.17
N HIS A 15 18.03 2.78 11.78
CA HIS A 15 17.39 3.94 11.14
C HIS A 15 16.33 4.50 12.09
N LYS A 16 16.46 5.78 12.44
CA LYS A 16 15.60 6.43 13.43
C LYS A 16 14.54 7.26 12.70
N VAL A 17 13.29 6.80 12.75
CA VAL A 17 12.17 7.41 12.05
C VAL A 17 11.25 8.08 13.07
N ILE A 18 10.76 9.28 12.74
CA ILE A 18 9.83 10.00 13.61
C ILE A 18 8.52 10.20 12.88
N MET A 19 7.41 9.85 13.54
CA MET A 19 6.08 10.12 13.00
C MET A 19 5.65 11.50 13.46
N VAL A 20 5.32 12.37 12.49
CA VAL A 20 4.96 13.75 12.77
C VAL A 20 3.62 14.07 12.11
N GLY A 21 2.77 14.79 12.83
CA GLY A 21 1.53 15.25 12.24
C GLY A 21 0.49 15.54 13.29
N SER A 22 -0.63 16.10 12.83
CA SER A 22 -1.67 16.54 13.74
C SER A 22 -2.36 15.37 14.45
N GLY A 23 -3.06 15.72 15.53
CA GLY A 23 -3.85 14.76 16.27
C GLY A 23 -4.86 14.00 15.45
N GLY A 24 -4.91 12.69 15.62
CA GLY A 24 -5.92 11.89 14.97
C GLY A 24 -5.66 11.50 13.53
N VAL A 25 -4.49 11.79 12.96
CA VAL A 25 -4.29 11.48 11.56
C VAL A 25 -3.94 10.03 11.29
N GLY A 26 -3.53 9.27 12.30
CA GLY A 26 -3.14 7.89 12.15
C GLY A 26 -1.66 7.59 12.33
N LYS A 27 -0.89 8.46 13.00
CA LYS A 27 0.52 8.18 13.27
C LYS A 27 0.68 6.86 14.02
N SER A 28 -0.08 6.69 15.11
CA SER A 28 0.06 5.48 15.90
C SER A 28 -0.49 4.27 15.16
N ALA A 29 -1.61 4.45 14.46
CA ALA A 29 -2.19 3.36 13.68
C ALA A 29 -1.22 2.86 12.61
N LEU A 30 -0.54 3.76 11.91
CA LEU A 30 0.44 3.32 10.92
C LEU A 30 1.59 2.57 11.59
N THR A 31 2.09 3.11 12.70
CA THR A 31 3.18 2.48 13.44
C THR A 31 2.80 1.08 13.90
N LEU A 32 1.60 0.93 14.47
CA LEU A 32 1.20 -0.36 15.04
C LEU A 32 0.86 -1.38 13.95
N GLN A 33 0.34 -0.94 12.81
CA GLN A 33 0.14 -1.83 11.67
C GLN A 33 1.49 -2.33 11.15
N PHE A 34 2.46 -1.42 11.01
CA PHE A 34 3.79 -1.83 10.58
C PHE A 34 4.45 -2.75 11.59
N MET A 35 4.35 -2.42 12.89
CA MET A 35 5.08 -3.16 13.93
C MET A 35 4.48 -4.54 14.15
N TYR A 36 3.16 -4.61 14.28
CA TYR A 36 2.49 -5.77 14.83
C TYR A 36 1.35 -6.31 13.98
N ASP A 37 1.10 -5.73 12.79
CA ASP A 37 0.03 -6.16 11.90
C ASP A 37 -1.34 -6.08 12.55
N GLU A 38 -1.54 -5.09 13.42
CA GLU A 38 -2.81 -4.89 14.10
C GLU A 38 -3.37 -3.51 13.79
N PHE A 39 -4.69 -3.40 13.86
CA PHE A 39 -5.39 -2.12 13.74
C PHE A 39 -6.64 -2.16 14.59
N VAL A 40 -6.84 -1.11 15.39
CA VAL A 40 -8.08 -0.94 16.12
C VAL A 40 -8.59 0.48 15.89
N GLU A 41 -9.91 0.62 15.92
CA GLU A 41 -10.52 1.93 15.73
C GLU A 41 -10.50 2.76 17.00
N ASP A 42 -10.15 2.18 18.15
CA ASP A 42 -10.18 2.94 19.40
C ASP A 42 -9.10 3.99 19.39
N TYR A 43 -9.49 5.23 19.69
CA TYR A 43 -8.54 6.35 19.71
C TYR A 43 -8.00 6.53 21.12
N GLU A 44 -6.68 6.45 21.24
CA GLU A 44 -5.97 6.81 22.47
C GLU A 44 -4.92 7.84 22.07
N PRO A 45 -5.09 9.12 22.39
CA PRO A 45 -4.09 10.10 21.99
C PRO A 45 -2.75 9.78 22.62
N THR A 46 -1.71 9.96 21.84
CA THR A 46 -0.37 9.60 22.26
C THR A 46 0.24 10.73 23.08
N LYS A 47 1.07 10.35 24.06
CA LYS A 47 2.01 11.29 24.67
C LYS A 47 3.36 11.21 23.97
N ALA A 48 4.02 10.06 24.06
CA ALA A 48 5.14 9.72 23.20
C ALA A 48 5.39 8.23 23.36
N ASP A 49 5.56 7.52 22.25
CA ASP A 49 5.82 6.10 22.26
C ASP A 49 6.96 5.78 21.32
N SER A 50 7.61 4.63 21.55
CA SER A 50 8.72 4.25 20.69
C SER A 50 8.77 2.75 20.53
N TYR A 51 9.33 2.31 19.41
CA TYR A 51 9.33 0.93 18.98
C TYR A 51 10.64 0.66 18.24
N ARG A 52 11.04 -0.62 18.23
CA ARG A 52 12.20 -1.05 17.47
C ARG A 52 11.87 -2.39 16.82
N LYS A 53 12.23 -2.54 15.55
CA LYS A 53 11.94 -3.76 14.80
C LYS A 53 13.16 -4.14 13.96
N LYS A 54 13.42 -5.43 13.86
CA LYS A 54 14.43 -5.94 12.93
C LYS A 54 13.73 -6.24 11.61
N VAL A 55 14.29 -5.71 10.52
CA VAL A 55 13.73 -5.89 9.18
C VAL A 55 14.88 -6.17 8.23
N VAL A 56 14.54 -6.61 7.04
CA VAL A 56 15.52 -6.83 5.98
C VAL A 56 15.24 -5.79 4.90
N LEU A 57 16.18 -4.89 4.71
CA LEU A 57 16.05 -3.80 3.75
C LEU A 57 17.02 -4.09 2.61
N ASP A 58 16.47 -4.43 1.44
CA ASP A 58 17.26 -4.69 0.25
C ASP A 58 18.33 -5.75 0.52
N GLY A 59 17.89 -6.85 1.13
CA GLY A 59 18.77 -7.96 1.44
C GLY A 59 19.67 -7.77 2.64
N GLU A 60 19.58 -6.65 3.34
CA GLU A 60 20.45 -6.37 4.48
C GLU A 60 19.65 -6.30 5.77
N GLU A 61 20.18 -6.95 6.80
CA GLU A 61 19.51 -7.01 8.11
C GLU A 61 19.78 -5.71 8.85
N VAL A 62 18.71 -4.97 9.16
CA VAL A 62 18.80 -3.67 9.82
C VAL A 62 17.75 -3.59 10.93
N GLN A 63 17.86 -2.55 11.74
CA GLN A 63 16.86 -2.24 12.74
C GLN A 63 16.25 -0.87 12.45
N ILE A 64 14.94 -0.78 12.59
CA ILE A 64 14.24 0.50 12.52
C ILE A 64 13.74 0.87 13.91
N ASP A 65 14.03 2.09 14.33
CA ASP A 65 13.50 2.66 15.56
C ASP A 65 12.45 3.69 15.12
N ILE A 66 11.28 3.64 15.74
CA ILE A 66 10.21 4.58 15.41
C ILE A 66 9.86 5.34 16.68
N LEU A 67 9.87 6.68 16.60
CA LEU A 67 9.30 7.51 17.64
C LEU A 67 7.96 8.06 17.15
N ASP A 68 6.91 7.74 17.90
CA ASP A 68 5.54 8.12 17.58
C ASP A 68 5.20 9.29 18.50
N THR A 69 5.08 10.48 17.92
CA THR A 69 4.91 11.71 18.70
C THR A 69 3.44 12.02 18.97
N ALA A 70 3.22 12.94 19.90
CA ALA A 70 1.88 13.46 20.17
C ALA A 70 1.51 14.52 19.15
N GLY A 71 0.37 14.34 18.48
CA GLY A 71 -0.20 15.42 17.69
C GLY A 71 -0.75 16.53 18.56
N LEU A 72 -1.12 16.21 19.81
CA LEU A 72 -1.59 17.21 20.76
C LEU A 72 -0.53 17.45 21.83
N GLU A 73 0.69 17.79 21.40
CA GLU A 73 1.80 17.97 22.33
C GLU A 73 1.70 19.30 23.06
N ASP A 74 2.14 19.29 24.32
CA ASP A 74 2.00 20.46 25.19
C ASP A 74 3.14 21.47 25.00
N TYR A 75 4.39 21.02 25.14
CA TYR A 75 5.54 21.92 25.21
C TYR A 75 6.35 21.84 23.93
N ALA A 76 6.70 23.01 23.40
CA ALA A 76 7.55 23.07 22.20
C ALA A 76 8.94 22.52 22.47
N ALA A 77 9.45 22.67 23.70
CA ALA A 77 10.78 22.13 24.00
C ALA A 77 10.80 20.61 23.89
N ILE A 78 9.73 19.95 24.36
CA ILE A 78 9.62 18.49 24.26
C ILE A 78 9.55 18.08 22.80
N ARG A 79 8.67 18.73 22.03
CA ARG A 79 8.58 18.45 20.60
C ARG A 79 9.93 18.64 19.92
N ASP A 80 10.64 19.72 20.25
CA ASP A 80 11.92 19.99 19.60
C ASP A 80 12.96 18.94 19.95
N ASN A 81 12.95 18.43 21.20
CA ASN A 81 13.89 17.37 21.56
C ASN A 81 13.66 16.13 20.72
N TYR A 82 12.40 15.75 20.52
CA TYR A 82 12.10 14.58 19.70
C TYR A 82 12.54 14.80 18.25
N PHE A 83 12.11 15.91 17.65
CA PHE A 83 12.45 16.18 16.25
C PHE A 83 13.96 16.18 16.03
N ARG A 84 14.71 16.76 16.97
CA ARG A 84 16.17 16.85 16.83
C ARG A 84 16.82 15.47 16.76
N SER A 85 16.24 14.48 17.43
CA SER A 85 16.85 13.16 17.52
C SER A 85 16.56 12.28 16.30
N GLY A 86 15.64 12.67 15.44
CA GLY A 86 15.30 11.83 14.31
C GLY A 86 16.28 11.94 13.17
N GLU A 87 16.35 10.86 12.38
CA GLU A 87 17.08 10.83 11.13
C GLU A 87 16.20 11.00 9.91
N GLY A 88 14.94 10.59 9.98
CA GLY A 88 13.99 10.82 8.89
C GLY A 88 12.59 10.94 9.45
N PHE A 89 11.70 11.51 8.65
CA PHE A 89 10.40 11.94 9.14
C PHE A 89 9.29 11.45 8.22
N LEU A 90 8.29 10.79 8.82
CA LEU A 90 7.02 10.57 8.14
C LEU A 90 6.09 11.69 8.56
N LEU A 91 5.78 12.57 7.62
CA LEU A 91 4.93 13.72 7.88
C LEU A 91 3.53 13.33 7.42
N VAL A 92 2.64 13.07 8.37
CA VAL A 92 1.38 12.39 8.12
C VAL A 92 0.24 13.39 8.26
N PHE A 93 -0.71 13.31 7.34
CA PHE A 93 -1.99 14.00 7.47
C PHE A 93 -3.08 13.01 7.08
N SER A 94 -4.32 13.35 7.40
CA SER A 94 -5.46 12.54 6.97
C SER A 94 -6.08 13.17 5.72
N ILE A 95 -6.29 12.34 4.69
CA ILE A 95 -6.95 12.82 3.47
C ILE A 95 -8.37 13.30 3.76
N THR A 96 -8.95 12.91 4.90
CA THR A 96 -10.29 13.31 5.28
C THR A 96 -10.34 14.62 6.05
N GLU A 97 -9.19 15.26 6.30
CA GLU A 97 -9.16 16.47 7.14
C GLU A 97 -8.21 17.49 6.50
N HIS A 98 -8.78 18.47 5.80
CA HIS A 98 -7.92 19.48 5.17
C HIS A 98 -7.05 20.22 6.17
N GLU A 99 -7.57 20.46 7.39
CA GLU A 99 -6.78 21.21 8.37
C GLU A 99 -5.53 20.45 8.78
N SER A 100 -5.58 19.11 8.74
CA SER A 100 -4.39 18.33 9.04
C SER A 100 -3.36 18.44 7.92
N PHE A 101 -3.83 18.62 6.68
CA PHE A 101 -2.90 18.81 5.57
C PHE A 101 -2.22 20.18 5.65
N THR A 102 -3.01 21.23 5.90
CA THR A 102 -2.39 22.54 6.03
C THR A 102 -1.43 22.60 7.21
N ALA A 103 -1.70 21.84 8.27
CA ALA A 103 -0.82 21.83 9.43
C ALA A 103 0.56 21.26 9.13
N THR A 104 0.70 20.48 8.06
CA THR A 104 1.99 19.87 7.75
C THR A 104 3.04 20.91 7.40
N ALA A 105 2.65 22.05 6.84
CA ALA A 105 3.64 23.09 6.56
C ALA A 105 4.37 23.52 7.83
N GLU A 106 3.65 23.73 8.93
CA GLU A 106 4.29 24.23 10.13
C GLU A 106 5.13 23.14 10.79
N PHE A 107 4.66 21.89 10.73
CA PHE A 107 5.47 20.78 11.23
C PHE A 107 6.80 20.72 10.48
N ARG A 108 6.76 20.82 9.16
CA ARG A 108 7.99 20.80 8.38
C ARG A 108 8.90 21.96 8.76
N GLU A 109 8.33 23.15 8.91
CA GLU A 109 9.12 24.30 9.36
C GLU A 109 9.83 24.00 10.68
N GLN A 110 9.13 23.38 11.61
CA GLN A 110 9.72 23.07 12.91
C GLN A 110 10.84 22.05 12.78
N ILE A 111 10.67 21.05 11.91
CA ILE A 111 11.73 20.08 11.68
C ILE A 111 12.95 20.77 11.07
N LEU A 112 12.71 21.60 10.06
CA LEU A 112 13.80 22.32 9.40
C LEU A 112 14.57 23.20 10.39
N ARG A 113 13.86 23.85 11.30
CA ARG A 113 14.52 24.75 12.25
C ARG A 113 15.39 24.00 13.23
N VAL A 114 14.92 22.84 13.72
CA VAL A 114 15.70 22.07 14.68
C VAL A 114 16.87 21.36 13.99
N LYS A 115 16.75 21.08 12.69
CA LYS A 115 17.85 20.53 11.92
C LYS A 115 18.45 21.63 11.06
N ALA A 116 18.88 22.72 11.71
CA ALA A 116 19.26 23.93 10.99
C ALA A 116 20.37 23.67 9.99
N GLU A 117 21.44 23.01 10.43
CA GLU A 117 22.57 22.87 9.53
C GLU A 117 22.66 21.47 8.94
N GLU A 118 21.61 21.09 8.21
CA GLU A 118 21.57 19.89 7.40
C GLU A 118 21.00 20.35 6.07
N ASP A 119 21.68 19.99 4.97
CA ASP A 119 21.23 20.47 3.67
C ASP A 119 19.85 19.91 3.32
N LYS A 120 19.69 18.59 3.39
CA LYS A 120 18.45 17.94 3.02
C LYS A 120 18.09 16.86 4.02
N ILE A 121 16.88 16.88 4.51
CA ILE A 121 16.41 16.02 5.60
C ILE A 121 15.50 14.94 4.99
N PRO A 122 15.77 13.66 5.27
CA PRO A 122 14.86 12.59 4.78
C PRO A 122 13.45 12.80 5.31
N LEU A 123 12.50 12.93 4.38
CA LEU A 123 11.12 13.27 4.70
C LEU A 123 10.23 12.71 3.60
N LEU A 124 9.14 12.04 4.00
CA LEU A 124 8.10 11.57 3.10
C LEU A 124 6.79 12.13 3.60
N VAL A 125 5.94 12.61 2.69
CA VAL A 125 4.61 13.09 3.05
C VAL A 125 3.62 11.95 2.86
N VAL A 126 2.84 11.67 3.91
CA VAL A 126 1.96 10.50 3.94
C VAL A 126 0.54 11.00 4.12
N GLY A 127 -0.30 10.74 3.13
CA GLY A 127 -1.72 11.02 3.24
C GLY A 127 -2.44 9.75 3.66
N ASN A 128 -2.79 9.68 4.95
CA ASN A 128 -3.36 8.47 5.50
C ASN A 128 -4.88 8.47 5.39
N LYS A 129 -5.47 7.29 5.65
CA LYS A 129 -6.91 7.00 5.63
C LYS A 129 -7.42 6.89 4.20
N SER A 130 -6.61 6.31 3.31
CA SER A 130 -7.01 6.18 1.91
C SER A 130 -8.23 5.28 1.74
N ASP A 131 -8.59 4.51 2.77
CA ASP A 131 -9.80 3.69 2.69
C ASP A 131 -11.07 4.50 2.84
N LEU A 132 -10.96 5.76 3.24
CA LEU A 132 -12.11 6.66 3.39
C LEU A 132 -12.19 7.65 2.24
N GLU A 133 -12.04 7.13 1.01
CA GLU A 133 -12.04 7.97 -0.18
C GLU A 133 -13.30 8.82 -0.27
N GLU A 134 -14.44 8.25 0.14
CA GLU A 134 -15.70 8.98 0.09
C GLU A 134 -15.71 10.22 0.99
N ARG A 135 -14.81 10.30 1.96
CA ARG A 135 -14.72 11.45 2.85
C ARG A 135 -13.53 12.35 2.54
N ARG A 136 -12.89 12.16 1.38
CA ARG A 136 -11.68 12.92 1.07
C ARG A 136 -11.94 14.41 1.05
N GLN A 137 -11.10 15.17 1.77
CA GLN A 137 -11.09 16.63 1.71
C GLN A 137 -9.83 17.18 1.08
N VAL A 138 -8.81 16.36 0.86
CA VAL A 138 -7.55 16.79 0.28
C VAL A 138 -7.38 16.13 -1.07
N PRO A 139 -7.53 16.85 -2.17
CA PRO A 139 -7.33 16.24 -3.49
C PRO A 139 -5.90 15.72 -3.64
N VAL A 140 -5.77 14.58 -4.32
CA VAL A 140 -4.45 14.02 -4.57
C VAL A 140 -3.55 15.05 -5.24
N GLU A 141 -4.07 15.80 -6.20
CA GLU A 141 -3.26 16.78 -6.91
C GLU A 141 -2.70 17.83 -5.94
N GLU A 142 -3.51 18.29 -5.00
CA GLU A 142 -3.05 19.33 -4.08
C GLU A 142 -1.92 18.79 -3.21
N ALA A 143 -2.09 17.58 -2.67
CA ALA A 143 -1.05 17.01 -1.81
C ALA A 143 0.21 16.70 -2.59
N ARG A 144 0.08 16.13 -3.78
CA ARG A 144 1.27 15.83 -4.57
C ARG A 144 2.02 17.11 -4.96
N SER A 145 1.29 18.15 -5.37
CA SER A 145 1.93 19.42 -5.72
C SER A 145 2.68 20.02 -4.55
N LYS A 146 2.15 19.87 -3.34
CA LYS A 146 2.87 20.36 -2.17
C LYS A 146 4.15 19.56 -1.94
N ALA A 147 4.07 18.23 -2.05
CA ALA A 147 5.27 17.39 -1.95
C ALA A 147 6.31 17.78 -3.01
N GLU A 148 5.86 18.05 -4.24
CA GLU A 148 6.80 18.48 -5.27
C GLU A 148 7.46 19.80 -4.90
N GLU A 149 6.70 20.73 -4.33
CA GLU A 149 7.28 22.01 -3.92
C GLU A 149 8.33 21.82 -2.83
N TRP A 150 8.15 20.81 -1.98
CA TRP A 150 9.10 20.51 -0.91
C TRP A 150 10.21 19.58 -1.36
N GLY A 151 10.16 19.08 -2.60
CA GLY A 151 11.15 18.14 -3.09
C GLY A 151 11.06 16.74 -2.51
N VAL A 152 9.88 16.28 -2.09
CA VAL A 152 9.72 15.01 -1.39
C VAL A 152 8.65 14.18 -2.09
N GLN A 153 8.60 12.90 -1.72
CA GLN A 153 7.60 12.00 -2.25
C GLN A 153 6.31 12.08 -1.43
N TYR A 154 5.19 11.81 -2.10
CA TYR A 154 3.88 11.74 -1.47
C TYR A 154 3.32 10.34 -1.69
N VAL A 155 2.92 9.67 -0.60
CA VAL A 155 2.33 8.34 -0.66
C VAL A 155 1.03 8.35 0.14
N GLU A 156 -0.02 7.72 -0.41
CA GLU A 156 -1.27 7.55 0.32
C GLU A 156 -1.32 6.17 0.94
N THR A 157 -1.68 6.10 2.22
CA THR A 157 -1.69 4.88 3.00
C THR A 157 -3.06 4.67 3.63
N SER A 158 -3.29 3.43 4.06
CA SER A 158 -4.37 3.13 4.99
C SER A 158 -3.81 2.22 6.06
N ALA A 159 -3.75 2.75 7.30
CA ALA A 159 -3.37 1.89 8.41
C ALA A 159 -4.38 0.78 8.61
N LYS A 160 -5.63 0.99 8.19
CA LYS A 160 -6.67 -0.02 8.38
C LYS A 160 -6.48 -1.18 7.40
N THR A 161 -6.25 -0.90 6.12
CA THR A 161 -6.18 -1.97 5.13
C THR A 161 -4.76 -2.45 4.86
N ARG A 162 -3.76 -1.76 5.39
CA ARG A 162 -2.32 -1.96 5.20
C ARG A 162 -1.79 -1.36 3.91
N ALA A 163 -2.63 -0.68 3.11
CA ALA A 163 -2.20 -0.16 1.82
C ALA A 163 -1.02 0.79 1.99
N ASN A 164 0.10 0.46 1.34
CA ASN A 164 1.31 1.26 1.31
C ASN A 164 1.96 1.47 2.68
N VAL A 165 1.56 0.72 3.70
CA VAL A 165 2.13 0.94 5.02
C VAL A 165 3.59 0.53 5.05
N ASP A 166 3.90 -0.68 4.58
CA ASP A 166 5.29 -1.09 4.52
C ASP A 166 6.07 -0.18 3.58
N LYS A 167 5.44 0.24 2.49
CA LYS A 167 6.11 1.07 1.50
C LYS A 167 6.65 2.35 2.14
N VAL A 168 5.85 3.02 2.97
CA VAL A 168 6.31 4.32 3.47
C VAL A 168 7.49 4.16 4.40
N PHE A 169 7.48 3.15 5.26
CA PHE A 169 8.59 2.95 6.17
C PHE A 169 9.86 2.54 5.43
N PHE A 170 9.74 1.64 4.45
CA PHE A 170 10.92 1.18 3.74
C PHE A 170 11.46 2.26 2.82
N ASP A 171 10.58 3.03 2.17
CA ASP A 171 11.03 4.12 1.33
C ASP A 171 11.81 5.16 2.13
N LEU A 172 11.33 5.49 3.33
CA LEU A 172 12.05 6.47 4.16
C LEU A 172 13.39 5.90 4.62
N MET A 173 13.42 4.61 5.00
CA MET A 173 14.68 3.98 5.36
C MET A 173 15.70 4.08 4.23
N ARG A 174 15.24 3.90 2.98
CA ARG A 174 16.15 4.01 1.84
C ARG A 174 16.69 5.44 1.70
N GLU A 175 15.86 6.45 1.99
CA GLU A 175 16.34 7.82 1.99
C GLU A 175 17.39 8.02 3.09
N ILE A 176 17.09 7.53 4.29
CA ILE A 176 18.03 7.64 5.40
C ILE A 176 19.35 6.97 5.05
N ARG A 177 19.28 5.79 4.44
CA ARG A 177 20.48 5.07 4.01
C ARG A 177 21.28 5.90 3.00
N THR A 178 20.61 6.44 1.98
CA THR A 178 21.31 7.21 0.97
C THR A 178 21.98 8.44 1.57
N LYS A 179 21.29 9.14 2.47
CA LYS A 179 21.91 10.27 3.15
C LYS A 179 23.11 9.82 3.98
N LYS A 180 22.97 8.71 4.69
CA LYS A 180 24.07 8.23 5.54
C LYS A 180 25.28 7.82 4.71
N MET A 181 25.06 7.29 3.52
CA MET A 181 26.21 6.89 2.69
C MET A 181 26.85 8.07 1.97
N SER A 182 26.19 9.24 1.98
CA SER A 182 26.77 10.43 1.36
C SER A 182 27.70 11.19 2.31
N GLU A 183 27.57 11.00 3.61
CA GLU A 183 28.35 11.78 4.58
C GLU A 183 29.80 11.33 4.63
N SER B 11 -6.94 -13.92 -32.05
CA SER B 11 -5.95 -14.96 -32.23
C SER B 11 -6.05 -16.07 -31.19
N LEU B 12 -6.13 -17.32 -31.67
CA LEU B 12 -6.15 -18.45 -30.73
C LEU B 12 -4.81 -18.65 -30.02
N ALA B 13 -3.77 -17.94 -30.44
CA ALA B 13 -2.46 -18.08 -29.82
C ALA B 13 -2.25 -17.15 -28.63
N LEU B 14 -3.14 -16.19 -28.40
CA LEU B 14 -2.92 -15.17 -27.37
C LEU B 14 -4.25 -14.79 -26.76
N HIS B 15 -4.40 -15.03 -25.46
CA HIS B 15 -5.66 -14.82 -24.75
C HIS B 15 -5.48 -13.66 -23.78
N LYS B 16 -6.36 -12.67 -23.86
CA LYS B 16 -6.23 -11.41 -23.11
C LYS B 16 -7.17 -11.42 -21.90
N VAL B 17 -6.60 -11.52 -20.71
CA VAL B 17 -7.35 -11.65 -19.47
C VAL B 17 -7.23 -10.37 -18.66
N ILE B 18 -8.33 -9.91 -18.07
CA ILE B 18 -8.34 -8.76 -17.19
C ILE B 18 -8.76 -9.17 -15.79
N MET B 19 -8.01 -8.70 -14.79
CA MET B 19 -8.37 -8.87 -13.39
C MET B 19 -9.20 -7.68 -12.94
N VAL B 20 -10.37 -7.95 -12.38
CA VAL B 20 -11.36 -6.94 -12.03
C VAL B 20 -11.85 -7.25 -10.63
N GLY B 21 -12.05 -6.22 -9.82
CA GLY B 21 -12.54 -6.41 -8.47
C GLY B 21 -12.10 -5.27 -7.57
N SER B 22 -12.72 -5.22 -6.39
N SER B 22 -12.72 -5.25 -6.38
CA SER B 22 -12.47 -4.09 -5.51
CA SER B 22 -12.49 -4.16 -5.43
C SER B 22 -11.09 -4.18 -4.87
C SER B 22 -11.04 -4.16 -4.92
N GLY B 23 -10.70 -3.10 -4.22
CA GLY B 23 -9.34 -2.97 -3.70
C GLY B 23 -9.04 -4.03 -2.65
N GLY B 24 -7.83 -4.57 -2.71
CA GLY B 24 -7.32 -5.44 -1.67
C GLY B 24 -7.82 -6.87 -1.70
N VAL B 25 -8.50 -7.28 -2.76
CA VAL B 25 -9.04 -8.66 -2.79
C VAL B 25 -8.02 -9.69 -3.20
N GLY B 26 -6.89 -9.27 -3.76
CA GLY B 26 -5.85 -10.17 -4.22
C GLY B 26 -5.72 -10.29 -5.75
N LYS B 27 -6.17 -9.30 -6.51
CA LYS B 27 -5.98 -9.33 -7.96
C LYS B 27 -4.50 -9.42 -8.32
N SER B 28 -3.68 -8.55 -7.73
CA SER B 28 -2.26 -8.58 -8.05
C SER B 28 -1.59 -9.81 -7.47
N ALA B 29 -1.98 -10.21 -6.26
CA ALA B 29 -1.38 -11.39 -5.67
C ALA B 29 -1.66 -12.64 -6.51
N LEU B 30 -2.89 -12.81 -7.00
CA LEU B 30 -3.18 -13.94 -7.88
C LEU B 30 -2.32 -13.87 -9.13
N THR B 31 -2.17 -12.67 -9.71
CA THR B 31 -1.40 -12.51 -10.93
C THR B 31 0.06 -12.87 -10.70
N LEU B 32 0.64 -12.38 -9.60
CA LEU B 32 2.06 -12.60 -9.33
C LEU B 32 2.33 -14.04 -8.94
N GLN B 33 1.40 -14.68 -8.22
CA GLN B 33 1.52 -16.11 -7.96
C GLN B 33 1.51 -16.90 -9.26
N PHE B 34 0.57 -16.58 -10.15
CA PHE B 34 0.50 -17.28 -11.43
C PHE B 34 1.74 -17.02 -12.28
N MET B 35 2.18 -15.77 -12.32
CA MET B 35 3.26 -15.39 -13.24
C MET B 35 4.61 -15.90 -12.75
N TYR B 36 4.90 -15.73 -11.47
CA TYR B 36 6.26 -15.83 -10.96
C TYR B 36 6.39 -16.72 -9.74
N ASP B 37 5.31 -17.39 -9.33
CA ASP B 37 5.31 -18.21 -8.11
C ASP B 37 5.73 -17.41 -6.87
N GLU B 38 5.38 -16.13 -6.84
CA GLU B 38 5.73 -15.23 -5.74
C GLU B 38 4.47 -14.86 -4.95
N PHE B 39 4.64 -14.67 -3.65
CA PHE B 39 3.59 -14.06 -2.84
C PHE B 39 4.25 -13.25 -1.73
N VAL B 40 3.82 -11.99 -1.60
CA VAL B 40 4.27 -11.14 -0.50
C VAL B 40 3.07 -10.63 0.26
N GLU B 41 3.28 -10.38 1.55
CA GLU B 41 2.24 -9.93 2.45
C GLU B 41 1.96 -8.44 2.33
N ASP B 42 2.89 -7.67 1.76
CA ASP B 42 2.69 -6.23 1.58
C ASP B 42 1.50 -5.97 0.67
N TYR B 43 0.86 -4.83 0.88
CA TYR B 43 -0.23 -4.34 0.05
C TYR B 43 0.18 -3.00 -0.57
N GLU B 44 0.43 -3.01 -1.87
CA GLU B 44 0.65 -1.78 -2.65
C GLU B 44 -0.42 -1.66 -3.70
N PRO B 45 -1.38 -0.75 -3.54
CA PRO B 45 -2.47 -0.64 -4.51
C PRO B 45 -1.96 -0.40 -5.93
N THR B 46 -2.61 -1.07 -6.86
CA THR B 46 -2.23 -1.00 -8.26
C THR B 46 -2.82 0.23 -8.91
N LYS B 47 -2.06 0.79 -9.87
N LYS B 47 -2.06 0.78 -9.86
CA LYS B 47 -2.64 1.73 -10.83
CA LYS B 47 -2.62 1.75 -10.82
C LYS B 47 -3.07 0.94 -12.06
C LYS B 47 -3.06 0.95 -12.05
N ALA B 48 -2.11 0.38 -12.78
CA ALA B 48 -2.39 -0.58 -13.85
C ALA B 48 -1.10 -1.29 -14.19
N ASP B 49 -1.12 -2.62 -14.26
CA ASP B 49 0.08 -3.38 -14.61
C ASP B 49 -0.31 -4.44 -15.63
N SER B 50 0.68 -4.94 -16.36
CA SER B 50 0.36 -5.95 -17.37
C SER B 50 1.51 -6.93 -17.49
N TYR B 51 1.18 -8.15 -17.92
CA TYR B 51 2.09 -9.28 -17.90
C TYR B 51 1.79 -10.17 -19.11
N ARG B 52 2.78 -10.95 -19.50
CA ARG B 52 2.63 -11.91 -20.60
C ARG B 52 3.42 -13.14 -20.26
N LYS B 53 2.82 -14.31 -20.48
CA LYS B 53 3.45 -15.58 -20.14
C LYS B 53 3.12 -16.62 -21.22
N LYS B 54 4.12 -17.45 -21.53
CA LYS B 54 3.89 -18.59 -22.41
C LYS B 54 3.46 -19.77 -21.56
N VAL B 55 2.40 -20.45 -21.99
CA VAL B 55 1.87 -21.61 -21.29
C VAL B 55 1.50 -22.68 -22.33
N VAL B 56 1.38 -23.91 -21.85
CA VAL B 56 0.83 -25.00 -22.64
C VAL B 56 -0.61 -25.21 -22.18
N LEU B 57 -1.55 -25.01 -23.09
CA LEU B 57 -2.97 -25.13 -22.77
C LEU B 57 -3.51 -26.32 -23.54
N ASP B 58 -3.69 -27.43 -22.83
CA ASP B 58 -4.23 -28.66 -23.41
C ASP B 58 -3.42 -29.08 -24.64
N GLY B 59 -2.09 -29.12 -24.47
CA GLY B 59 -1.20 -29.55 -25.53
C GLY B 59 -0.73 -28.47 -26.49
N GLU B 60 -1.33 -27.28 -26.47
CA GLU B 60 -1.00 -26.21 -27.41
C GLU B 60 -0.24 -25.10 -26.70
N GLU B 61 0.86 -24.66 -27.30
CA GLU B 61 1.68 -23.59 -26.75
C GLU B 61 1.00 -22.28 -27.10
N VAL B 62 0.51 -21.56 -26.08
CA VAL B 62 -0.20 -20.30 -26.29
C VAL B 62 0.41 -19.23 -25.40
N GLN B 63 -0.03 -18.00 -25.57
CA GLN B 63 0.37 -16.92 -24.68
C GLN B 63 -0.86 -16.41 -23.94
N ILE B 64 -0.67 -16.06 -22.68
CA ILE B 64 -1.69 -15.35 -21.91
C ILE B 64 -1.15 -13.97 -21.58
N ASP B 65 -1.96 -12.95 -21.85
CA ASP B 65 -1.69 -11.57 -21.43
C ASP B 65 -2.64 -11.27 -20.30
N ILE B 66 -2.13 -10.65 -19.23
CA ILE B 66 -2.94 -10.30 -18.06
C ILE B 66 -2.85 -8.81 -17.84
N LEU B 67 -4.00 -8.16 -17.73
CA LEU B 67 -4.07 -6.76 -17.34
C LEU B 67 -4.62 -6.72 -15.92
N ASP B 68 -3.84 -6.18 -15.01
CA ASP B 68 -4.18 -6.09 -13.59
C ASP B 68 -4.61 -4.65 -13.33
N THR B 69 -5.87 -4.47 -12.96
CA THR B 69 -6.49 -3.15 -12.82
C THR B 69 -6.50 -2.66 -11.37
N ALA B 70 -6.74 -1.35 -11.22
CA ALA B 70 -6.93 -0.77 -9.90
C ALA B 70 -8.30 -1.15 -9.37
N GLY B 71 -8.38 -1.35 -8.05
CA GLY B 71 -9.67 -1.61 -7.43
C GLY B 71 -10.62 -0.44 -7.54
N LEU B 72 -10.09 0.79 -7.59
CA LEU B 72 -10.90 1.99 -7.80
C LEU B 72 -10.21 2.83 -8.86
N GLU B 73 -10.79 2.87 -10.06
CA GLU B 73 -10.24 3.69 -11.13
C GLU B 73 -10.83 5.09 -11.03
N ASP B 74 -9.94 6.10 -11.02
CA ASP B 74 -10.38 7.47 -10.84
C ASP B 74 -11.19 7.97 -12.03
N TYR B 75 -10.88 7.51 -13.24
CA TYR B 75 -11.45 8.06 -14.46
C TYR B 75 -12.19 6.97 -15.21
N ALA B 76 -13.50 7.20 -15.42
CA ALA B 76 -14.34 6.21 -16.08
C ALA B 76 -13.78 5.81 -17.43
N ALA B 77 -13.20 6.76 -18.17
CA ALA B 77 -12.73 6.48 -19.52
C ALA B 77 -11.58 5.48 -19.53
N ILE B 78 -10.68 5.61 -18.54
CA ILE B 78 -9.56 4.67 -18.40
C ILE B 78 -10.07 3.28 -18.11
N ARG B 79 -10.97 3.16 -17.14
CA ARG B 79 -11.58 1.88 -16.82
C ARG B 79 -12.25 1.29 -18.05
N ASP B 80 -13.07 2.08 -18.74
CA ASP B 80 -13.74 1.60 -19.95
C ASP B 80 -12.75 1.12 -20.99
N ASN B 81 -11.66 1.88 -21.22
CA ASN B 81 -10.67 1.48 -22.22
C ASN B 81 -10.07 0.12 -21.90
N TYR B 82 -9.71 -0.09 -20.63
CA TYR B 82 -9.16 -1.37 -20.22
C TYR B 82 -10.19 -2.49 -20.39
N PHE B 83 -11.38 -2.32 -19.80
CA PHE B 83 -12.39 -3.38 -19.86
C PHE B 83 -12.73 -3.74 -21.31
N ARG B 84 -12.83 -2.73 -22.18
CA ARG B 84 -13.21 -3.00 -23.57
C ARG B 84 -12.16 -3.84 -24.29
N SER B 85 -10.90 -3.73 -23.88
CA SER B 85 -9.78 -4.40 -24.54
C SER B 85 -9.64 -5.87 -24.11
N GLY B 86 -10.38 -6.31 -23.11
CA GLY B 86 -10.20 -7.68 -22.62
C GLY B 86 -10.99 -8.70 -23.43
N GLU B 87 -10.47 -9.93 -23.42
CA GLU B 87 -11.18 -11.06 -24.00
C GLU B 87 -11.89 -11.90 -22.95
N GLY B 88 -11.37 -11.92 -21.73
CA GLY B 88 -11.99 -12.65 -20.63
C GLY B 88 -11.65 -11.94 -19.34
N PHE B 89 -12.44 -12.22 -18.30
CA PHE B 89 -12.36 -11.47 -17.05
C PHE B 89 -12.37 -12.43 -15.87
N LEU B 90 -11.43 -12.23 -14.95
CA LEU B 90 -11.49 -12.82 -13.63
C LEU B 90 -12.07 -11.75 -12.71
N LEU B 91 -13.28 -12.01 -12.23
CA LEU B 91 -13.99 -11.13 -11.32
C LEU B 91 -13.73 -11.63 -9.90
N VAL B 92 -12.87 -10.91 -9.18
CA VAL B 92 -12.27 -11.35 -7.93
C VAL B 92 -12.91 -10.58 -6.78
N PHE B 93 -13.25 -11.31 -5.72
CA PHE B 93 -13.61 -10.74 -4.43
C PHE B 93 -12.84 -11.52 -3.36
N SER B 94 -12.84 -11.01 -2.13
CA SER B 94 -12.24 -11.75 -1.04
C SER B 94 -13.34 -12.41 -0.24
N ILE B 95 -13.16 -13.70 0.06
CA ILE B 95 -14.12 -14.39 0.92
C ILE B 95 -14.22 -13.75 2.31
N THR B 96 -13.22 -12.95 2.70
CA THR B 96 -13.23 -12.32 4.02
C THR B 96 -13.89 -10.96 4.03
N GLU B 97 -14.37 -10.45 2.89
CA GLU B 97 -14.96 -9.11 2.85
C GLU B 97 -16.25 -9.13 2.03
N HIS B 98 -17.39 -9.15 2.73
CA HIS B 98 -18.67 -9.24 2.03
C HIS B 98 -18.89 -8.03 1.11
N GLU B 99 -18.40 -6.85 1.49
CA GLU B 99 -18.51 -5.69 0.60
C GLU B 99 -17.89 -5.96 -0.76
N SER B 100 -16.74 -6.65 -0.79
CA SER B 100 -16.10 -6.92 -2.06
C SER B 100 -16.93 -7.87 -2.92
N PHE B 101 -17.70 -8.74 -2.27
CA PHE B 101 -18.57 -9.66 -3.00
C PHE B 101 -19.73 -8.91 -3.65
N THR B 102 -20.40 -8.04 -2.89
CA THR B 102 -21.50 -7.26 -3.46
C THR B 102 -21.01 -6.31 -4.55
N ALA B 103 -19.74 -5.89 -4.49
CA ALA B 103 -19.21 -5.01 -5.52
C ALA B 103 -19.09 -5.68 -6.88
N THR B 104 -19.04 -7.02 -6.93
CA THR B 104 -18.82 -7.71 -8.18
C THR B 104 -19.96 -7.48 -9.18
N ALA B 105 -21.20 -7.36 -8.69
CA ALA B 105 -22.33 -7.16 -9.60
C ALA B 105 -22.18 -5.86 -10.38
N GLU B 106 -21.71 -4.80 -9.73
CA GLU B 106 -21.51 -3.55 -10.46
C GLU B 106 -20.35 -3.67 -11.45
N PHE B 107 -19.26 -4.32 -11.05
CA PHE B 107 -18.17 -4.56 -11.99
C PHE B 107 -18.66 -5.34 -13.20
N ARG B 108 -19.53 -6.34 -12.97
CA ARG B 108 -20.04 -7.13 -14.08
C ARG B 108 -20.86 -6.27 -15.04
N GLU B 109 -21.67 -5.36 -14.49
CA GLU B 109 -22.48 -4.50 -15.37
C GLU B 109 -21.61 -3.58 -16.20
N GLN B 110 -20.52 -3.07 -15.61
CA GLN B 110 -19.60 -2.22 -16.37
C GLN B 110 -18.95 -2.99 -17.51
N ILE B 111 -18.56 -4.25 -17.27
CA ILE B 111 -18.01 -5.09 -18.33
C ILE B 111 -19.03 -5.29 -19.43
N LEU B 112 -20.24 -5.70 -19.06
CA LEU B 112 -21.28 -5.99 -20.06
C LEU B 112 -21.62 -4.75 -20.88
N ARG B 113 -21.63 -3.57 -20.25
CA ARG B 113 -21.97 -2.35 -20.96
C ARG B 113 -20.91 -1.99 -22.00
N VAL B 114 -19.64 -2.07 -21.64
N VAL B 114 -19.64 -2.07 -21.65
CA VAL B 114 -18.59 -1.77 -22.60
CA VAL B 114 -18.59 -1.76 -22.62
C VAL B 114 -18.41 -2.89 -23.62
C VAL B 114 -18.43 -2.88 -23.63
N LYS B 115 -18.90 -4.09 -23.32
CA LYS B 115 -18.84 -5.24 -24.21
C LYS B 115 -20.22 -5.57 -24.77
N ALA B 116 -21.02 -4.54 -25.07
CA ALA B 116 -22.44 -4.77 -25.41
C ALA B 116 -22.66 -5.50 -26.73
N GLU B 117 -21.77 -5.43 -27.68
CA GLU B 117 -22.00 -6.19 -28.93
C GLU B 117 -21.54 -7.65 -28.79
N GLU B 118 -20.92 -8.01 -27.68
CA GLU B 118 -20.48 -9.40 -27.47
C GLU B 118 -21.55 -10.11 -26.66
N ASP B 119 -21.82 -11.33 -27.02
CA ASP B 119 -22.75 -12.20 -26.29
C ASP B 119 -21.88 -13.16 -25.48
N LYS B 120 -22.32 -13.51 -24.28
CA LYS B 120 -21.59 -14.48 -23.41
C LYS B 120 -20.09 -14.17 -23.33
N ILE B 121 -19.77 -13.16 -22.57
CA ILE B 121 -18.36 -12.77 -22.33
C ILE B 121 -17.67 -13.77 -21.40
N PRO B 122 -16.49 -14.31 -21.73
CA PRO B 122 -15.77 -15.23 -20.87
C PRO B 122 -15.50 -14.56 -19.51
N LEU B 123 -15.99 -15.19 -18.47
CA LEU B 123 -15.89 -14.63 -17.13
C LEU B 123 -15.92 -15.75 -16.11
N LEU B 124 -15.11 -15.61 -15.07
CA LEU B 124 -15.11 -16.49 -13.91
C LEU B 124 -15.17 -15.64 -12.66
N VAL B 125 -15.96 -16.07 -11.68
CA VAL B 125 -16.01 -15.44 -10.36
C VAL B 125 -15.03 -16.16 -9.45
N VAL B 126 -14.11 -15.41 -8.84
CA VAL B 126 -13.06 -15.94 -8.01
C VAL B 126 -13.24 -15.40 -6.59
N GLY B 127 -13.44 -16.30 -5.64
CA GLY B 127 -13.39 -15.94 -4.24
C GLY B 127 -12.01 -16.23 -3.67
N ASN B 128 -11.21 -15.19 -3.51
CA ASN B 128 -9.83 -15.37 -3.07
C ASN B 128 -9.70 -15.31 -1.54
N LYS B 129 -8.50 -15.67 -1.05
CA LYS B 129 -8.14 -15.75 0.36
C LYS B 129 -8.77 -16.96 1.05
N SER B 130 -8.90 -18.06 0.30
CA SER B 130 -9.50 -19.27 0.86
C SER B 130 -8.71 -19.79 2.05
N ASP B 131 -7.43 -19.41 2.18
CA ASP B 131 -6.66 -19.79 3.36
C ASP B 131 -7.12 -19.08 4.63
N LEU B 132 -7.92 -18.03 4.52
CA LEU B 132 -8.43 -17.29 5.67
C LEU B 132 -9.85 -17.72 6.04
N GLU B 133 -10.09 -19.03 6.01
CA GLU B 133 -11.44 -19.57 6.21
C GLU B 133 -12.08 -19.09 7.50
N GLU B 134 -11.29 -18.94 8.56
CA GLU B 134 -11.87 -18.54 9.84
C GLU B 134 -12.32 -17.08 9.88
N ARG B 135 -11.95 -16.26 8.89
CA ARG B 135 -12.44 -14.90 8.76
C ARG B 135 -13.51 -14.76 7.68
N ARG B 136 -14.06 -15.86 7.19
CA ARG B 136 -15.01 -15.83 6.08
C ARG B 136 -16.22 -14.97 6.42
N GLN B 137 -16.57 -14.06 5.51
CA GLN B 137 -17.82 -13.33 5.57
C GLN B 137 -18.78 -13.65 4.44
N VAL B 138 -18.30 -14.32 3.38
CA VAL B 138 -19.12 -14.66 2.23
C VAL B 138 -19.35 -16.17 2.27
N PRO B 139 -20.55 -16.64 2.58
CA PRO B 139 -20.80 -18.09 2.57
C PRO B 139 -20.58 -18.64 1.17
N VAL B 140 -20.01 -19.84 1.10
CA VAL B 140 -19.77 -20.50 -0.18
C VAL B 140 -21.07 -20.57 -0.99
N GLU B 141 -22.19 -20.81 -0.32
CA GLU B 141 -23.45 -20.98 -1.03
C GLU B 141 -23.94 -19.68 -1.64
N GLU B 142 -23.69 -18.54 -0.97
CA GLU B 142 -24.07 -17.26 -1.55
C GLU B 142 -23.30 -16.99 -2.84
N ALA B 143 -22.00 -17.28 -2.84
CA ALA B 143 -21.19 -17.04 -4.03
C ALA B 143 -21.53 -18.03 -5.15
N ARG B 144 -21.74 -19.30 -4.80
CA ARG B 144 -22.07 -20.27 -5.83
C ARG B 144 -23.38 -19.92 -6.53
N SER B 145 -24.42 -19.55 -5.75
CA SER B 145 -25.71 -19.25 -6.35
C SER B 145 -25.66 -18.02 -7.24
N LYS B 146 -24.83 -17.04 -6.88
CA LYS B 146 -24.68 -15.87 -7.74
C LYS B 146 -23.99 -16.23 -9.05
N ALA B 147 -22.96 -17.08 -8.98
CA ALA B 147 -22.27 -17.50 -10.20
C ALA B 147 -23.19 -18.31 -11.10
N GLU B 148 -24.02 -19.16 -10.51
CA GLU B 148 -25.01 -19.90 -11.30
C GLU B 148 -26.00 -18.95 -11.97
N GLU B 149 -26.47 -17.94 -11.22
CA GLU B 149 -27.34 -16.92 -11.79
C GLU B 149 -26.69 -16.22 -12.99
N TRP B 150 -25.37 -16.06 -12.96
CA TRP B 150 -24.64 -15.43 -14.06
C TRP B 150 -24.15 -16.42 -15.10
N GLY B 151 -24.32 -17.72 -14.86
CA GLY B 151 -23.89 -18.70 -15.84
C GLY B 151 -22.39 -18.83 -15.97
N VAL B 152 -21.65 -18.70 -14.86
CA VAL B 152 -20.20 -18.80 -14.88
C VAL B 152 -19.73 -19.68 -13.72
N GLN B 153 -18.48 -20.13 -13.82
CA GLN B 153 -17.88 -20.92 -12.76
C GLN B 153 -17.49 -20.04 -11.58
N TYR B 154 -17.67 -20.57 -10.37
CA TYR B 154 -17.15 -19.98 -9.15
C TYR B 154 -16.00 -20.84 -8.65
N VAL B 155 -14.84 -20.22 -8.39
CA VAL B 155 -13.69 -20.92 -7.85
C VAL B 155 -13.18 -20.16 -6.64
N GLU B 156 -12.86 -20.89 -5.56
CA GLU B 156 -12.19 -20.29 -4.42
C GLU B 156 -10.69 -20.57 -4.54
N THR B 157 -9.89 -19.52 -4.36
CA THR B 157 -8.45 -19.56 -4.57
C THR B 157 -7.75 -19.00 -3.35
N SER B 158 -6.46 -19.32 -3.22
CA SER B 158 -5.61 -18.58 -2.30
C SER B 158 -4.32 -18.25 -3.04
N ALA B 159 -4.10 -16.96 -3.30
CA ALA B 159 -2.81 -16.55 -3.86
C ALA B 159 -1.65 -16.91 -2.94
N LYS B 160 -1.92 -17.05 -1.64
CA LYS B 160 -0.86 -17.34 -0.68
C LYS B 160 -0.40 -18.79 -0.78
N THR B 161 -1.34 -19.73 -0.81
CA THR B 161 -1.02 -21.16 -0.80
C THR B 161 -0.98 -21.79 -2.18
N ARG B 162 -1.32 -21.05 -3.22
N ARG B 162 -1.33 -21.04 -3.22
CA ARG B 162 -1.41 -21.49 -4.62
CA ARG B 162 -1.42 -21.44 -4.62
C ARG B 162 -2.71 -22.21 -4.94
C ARG B 162 -2.68 -22.25 -4.93
N ALA B 163 -3.57 -22.47 -3.96
CA ALA B 163 -4.78 -23.25 -4.20
C ALA B 163 -5.64 -22.67 -5.32
N ASN B 164 -5.87 -23.48 -6.37
CA ASN B 164 -6.71 -23.18 -7.52
C ASN B 164 -6.25 -21.97 -8.34
N VAL B 165 -5.03 -21.49 -8.14
CA VAL B 165 -4.57 -20.30 -8.86
C VAL B 165 -4.40 -20.60 -10.35
N ASP B 166 -3.60 -21.62 -10.69
CA ASP B 166 -3.47 -22.02 -12.08
C ASP B 166 -4.84 -22.33 -12.69
N LYS B 167 -5.71 -22.98 -11.91
CA LYS B 167 -7.02 -23.38 -12.41
C LYS B 167 -7.82 -22.18 -12.93
N VAL B 168 -7.88 -21.08 -12.18
CA VAL B 168 -8.73 -19.97 -12.65
C VAL B 168 -8.21 -19.38 -13.97
N PHE B 169 -6.89 -19.23 -14.11
CA PHE B 169 -6.34 -18.68 -15.34
C PHE B 169 -6.53 -19.64 -16.51
N PHE B 170 -6.29 -20.93 -16.28
CA PHE B 170 -6.46 -21.91 -17.36
C PHE B 170 -7.92 -22.07 -17.74
N ASP B 171 -8.82 -22.09 -16.75
CA ASP B 171 -10.22 -22.27 -17.09
C ASP B 171 -10.76 -21.07 -17.85
N LEU B 172 -10.31 -19.86 -17.48
CA LEU B 172 -10.71 -18.68 -18.26
C LEU B 172 -10.16 -18.75 -19.67
N MET B 173 -8.90 -19.16 -19.82
CA MET B 173 -8.34 -19.34 -21.17
C MET B 173 -9.14 -20.34 -21.98
N ARG B 174 -9.64 -21.40 -21.35
CA ARG B 174 -10.46 -22.36 -22.08
C ARG B 174 -11.78 -21.72 -22.53
N GLU B 175 -12.36 -20.85 -21.70
CA GLU B 175 -13.58 -20.14 -22.11
C GLU B 175 -13.31 -19.21 -23.29
N ILE B 176 -12.20 -18.48 -23.24
CA ILE B 176 -11.83 -17.60 -24.35
C ILE B 176 -11.63 -18.39 -25.63
N ARG B 177 -10.89 -19.50 -25.55
CA ARG B 177 -10.64 -20.36 -26.70
C ARG B 177 -11.94 -20.84 -27.31
N THR B 178 -12.87 -21.30 -26.47
CA THR B 178 -14.17 -21.77 -26.95
C THR B 178 -14.89 -20.67 -27.72
N LYS B 179 -14.91 -19.46 -27.17
CA LYS B 179 -15.55 -18.35 -27.86
C LYS B 179 -14.86 -18.03 -29.19
N LYS B 180 -13.53 -18.08 -29.20
CA LYS B 180 -12.79 -17.77 -30.42
C LYS B 180 -13.03 -18.82 -31.50
N MET B 181 -13.16 -20.08 -31.10
CA MET B 181 -13.36 -21.15 -32.06
C MET B 181 -14.76 -21.08 -32.66
N SER B 182 -15.77 -20.75 -31.84
CA SER B 182 -17.14 -20.58 -32.32
C SER B 182 -17.26 -19.49 -33.37
N GLU B 183 -16.25 -18.64 -33.55
CA GLU B 183 -16.28 -17.58 -34.55
C GLU B 183 -15.54 -18.01 -35.81
N GLN C 8 18.23 4.02 -11.47
CA GLN C 8 17.45 5.05 -10.80
C GLN C 8 16.90 6.07 -11.80
N ALA C 9 17.68 7.14 -12.06
CA ALA C 9 17.18 8.25 -12.86
C ALA C 9 16.86 7.81 -14.29
N GLY C 10 17.68 6.93 -14.86
CA GLY C 10 17.42 6.45 -16.20
C GLY C 10 16.11 5.69 -16.30
N ILE C 11 15.87 4.78 -15.35
CA ILE C 11 14.61 4.04 -15.36
C ILE C 11 13.44 4.95 -15.08
N LYS C 12 13.59 5.88 -14.13
CA LYS C 12 12.48 6.76 -13.79
C LYS C 12 12.08 7.66 -14.96
N GLU C 13 13.06 8.13 -15.76
CA GLU C 13 12.73 8.94 -16.93
C GLU C 13 12.06 8.10 -18.03
N GLU C 14 12.47 6.85 -18.17
CA GLU C 14 11.79 5.98 -19.11
C GLU C 14 10.36 5.70 -18.67
N ILE C 15 10.12 5.61 -17.35
CA ILE C 15 8.76 5.42 -16.85
C ILE C 15 7.90 6.63 -17.22
N ARG C 16 8.45 7.83 -17.06
CA ARG C 16 7.69 9.01 -17.45
C ARG C 16 7.43 9.04 -18.95
N ARG C 17 8.42 8.65 -19.76
CA ARG C 17 8.22 8.59 -21.20
C ARG C 17 7.09 7.64 -21.56
N GLN C 18 7.09 6.45 -20.96
CA GLN C 18 6.07 5.46 -21.29
C GLN C 18 4.71 5.86 -20.73
N GLU C 19 4.66 6.51 -19.57
CA GLU C 19 3.40 7.02 -19.05
C GLU C 19 2.80 8.05 -19.99
N PHE C 20 3.64 8.89 -20.60
CA PHE C 20 3.13 9.87 -21.56
C PHE C 20 2.50 9.16 -22.74
N LEU C 21 3.18 8.13 -23.27
CA LEU C 21 2.62 7.37 -24.37
C LEU C 21 1.33 6.67 -23.96
N LEU C 22 1.27 6.15 -22.73
CA LEU C 22 0.05 5.51 -22.26
C LEU C 22 -1.12 6.49 -22.22
N ASN C 23 -0.89 7.69 -21.68
CA ASN C 23 -1.94 8.71 -21.64
C ASN C 23 -2.44 9.02 -23.04
N SER C 24 -1.52 9.12 -24.00
CA SER C 24 -1.93 9.43 -25.37
C SER C 24 -2.73 8.29 -25.99
N LEU C 25 -2.39 7.03 -25.65
CA LEU C 25 -3.17 5.91 -26.15
C LEU C 25 -4.57 5.90 -25.54
N HIS C 26 -4.70 6.24 -24.25
CA HIS C 26 -6.02 6.38 -23.65
C HIS C 26 -6.85 7.45 -24.36
N ARG C 27 -6.23 8.58 -24.66
CA ARG C 27 -6.94 9.61 -25.43
C ARG C 27 -7.40 9.07 -26.76
N ASP C 28 -6.53 8.33 -27.46
CA ASP C 28 -6.89 7.80 -28.77
C ASP C 28 -8.01 6.78 -28.69
N LEU C 29 -8.00 5.92 -27.65
CA LEU C 29 -8.96 4.82 -27.58
C LEU C 29 -10.34 5.28 -27.11
N GLN C 30 -10.41 6.34 -26.31
CA GLN C 30 -11.66 6.72 -25.66
C GLN C 30 -12.73 7.05 -26.69
N GLY C 31 -13.88 6.38 -26.57
CA GLY C 31 -15.01 6.61 -27.47
C GLY C 31 -14.81 6.23 -28.91
N GLY C 32 -13.75 5.52 -29.26
CA GLY C 32 -13.43 5.27 -30.64
C GLY C 32 -14.05 3.98 -31.18
N ILE C 33 -14.08 3.91 -32.51
CA ILE C 33 -14.31 2.63 -33.19
C ILE C 33 -13.26 1.64 -32.69
N LYS C 34 -13.68 0.39 -32.47
CA LYS C 34 -12.79 -0.64 -31.94
C LYS C 34 -11.47 -0.64 -32.72
N ASP C 35 -10.36 -0.50 -31.99
CA ASP C 35 -9.03 -0.43 -32.61
C ASP C 35 -8.14 -1.46 -31.92
N LEU C 36 -8.11 -2.68 -32.45
CA LEU C 36 -7.36 -3.76 -31.81
C LEU C 36 -5.86 -3.47 -31.80
N SER C 37 -5.34 -2.80 -32.83
CA SER C 37 -3.93 -2.47 -32.87
C SER C 37 -3.54 -1.51 -31.74
N LYS C 38 -4.38 -0.51 -31.50
CA LYS C 38 -4.08 0.43 -30.43
C LYS C 38 -4.24 -0.21 -29.06
N GLU C 39 -5.22 -1.12 -28.93
CA GLU C 39 -5.35 -1.84 -27.67
C GLU C 39 -4.11 -2.68 -27.40
N SER C 40 -3.58 -3.31 -28.45
N SER C 40 -3.57 -3.30 -28.45
CA SER C 40 -2.37 -4.11 -28.30
CA SER C 40 -2.37 -4.11 -28.28
C SER C 40 -1.20 -3.25 -27.85
C SER C 40 -1.16 -3.27 -27.88
N ARG C 41 -1.04 -2.07 -28.45
CA ARG C 41 0.04 -1.17 -28.04
C ARG C 41 -0.13 -0.74 -26.58
N MET C 42 -1.36 -0.49 -26.13
CA MET C 42 -1.61 -0.10 -24.75
C MET C 42 -1.14 -1.19 -23.78
N TRP C 43 -1.50 -2.45 -24.03
CA TRP C 43 -1.04 -3.51 -23.14
C TRP C 43 0.48 -3.66 -23.20
N GLU C 44 1.08 -3.42 -24.36
CA GLU C 44 2.54 -3.50 -24.49
C GLU C 44 3.22 -2.41 -23.66
N VAL C 45 2.71 -1.18 -23.72
CA VAL C 45 3.25 -0.10 -22.92
C VAL C 45 3.11 -0.42 -21.43
N LEU C 46 1.95 -0.97 -21.03
CA LEU C 46 1.77 -1.34 -19.64
C LEU C 46 2.75 -2.43 -19.23
N ARG C 47 3.03 -3.38 -20.12
CA ARG C 47 4.01 -4.43 -19.78
C ARG C 47 5.38 -3.82 -19.58
N ILE C 48 5.74 -2.84 -20.42
CA ILE C 48 7.03 -2.18 -20.26
C ILE C 48 7.09 -1.42 -18.93
N LEU C 49 6.03 -0.66 -18.62
CA LEU C 49 5.96 0.03 -17.33
C LEU C 49 6.08 -0.93 -16.14
N THR C 50 5.35 -2.05 -16.20
CA THR C 50 5.45 -3.04 -15.14
C THR C 50 6.87 -3.55 -14.99
N ALA C 51 7.55 -3.80 -16.12
CA ALA C 51 8.94 -4.30 -16.06
C ALA C 51 9.89 -3.25 -15.50
N LEU C 52 9.70 -1.98 -15.89
CA LEU C 52 10.55 -0.91 -15.38
C LEU C 52 10.37 -0.74 -13.87
N ARG C 53 9.13 -0.83 -13.39
CA ARG C 53 8.85 -0.68 -11.97
C ARG C 53 9.34 -1.87 -11.16
N ARG C 54 9.30 -3.07 -11.75
CA ARG C 54 9.88 -4.22 -11.07
C ARG C 54 11.38 -4.04 -10.90
N LYS C 55 12.04 -3.47 -11.91
CA LYS C 55 13.48 -3.24 -11.80
C LYS C 55 13.81 -2.19 -10.76
N LEU C 56 12.92 -1.23 -10.55
CA LEU C 56 13.12 -0.24 -9.49
C LEU C 56 13.11 -0.87 -8.12
N ARG C 57 12.25 -1.87 -7.92
CA ARG C 57 12.19 -2.62 -6.66
C ARG C 57 13.33 -3.62 -6.51
N GLU C 58 14.41 -3.48 -7.28
CA GLU C 58 15.53 -4.41 -7.29
C GLU C 58 15.10 -5.79 -7.77
N GLY D 1 14.49 -7.32 34.25
CA GLY D 1 14.53 -5.93 33.78
C GLY D 1 13.31 -5.12 34.16
N PRO D 2 13.13 -3.96 33.50
CA PRO D 2 12.03 -3.07 33.90
C PRO D 2 10.64 -3.60 33.55
N LEU D 3 10.53 -4.62 32.70
CA LEU D 3 9.25 -5.20 32.33
C LEU D 3 8.88 -6.42 33.17
N GLY D 4 9.53 -6.59 34.32
CA GLY D 4 9.37 -7.78 35.13
C GLY D 4 8.24 -7.78 36.13
N SER D 5 7.62 -6.63 36.40
CA SER D 5 6.55 -6.60 37.39
C SER D 5 5.25 -7.14 36.80
N GLU D 6 4.46 -7.78 37.66
CA GLU D 6 3.19 -8.40 37.27
C GLU D 6 1.98 -7.81 37.95
N THR D 7 2.15 -6.85 38.86
CA THR D 7 1.03 -6.18 39.51
C THR D 7 0.79 -4.83 38.86
N GLN D 8 -0.46 -4.37 38.89
CA GLN D 8 -0.75 -3.04 38.39
C GLN D 8 0.02 -1.98 39.17
N ALA D 9 0.08 -2.13 40.49
CA ALA D 9 0.82 -1.16 41.31
C ALA D 9 2.31 -1.18 40.98
N GLY D 10 2.88 -2.36 40.74
CA GLY D 10 4.29 -2.42 40.42
C GLY D 10 4.62 -1.86 39.05
N ILE D 11 3.76 -2.13 38.06
CA ILE D 11 3.97 -1.58 36.73
C ILE D 11 3.84 -0.07 36.77
N LYS D 12 2.84 0.44 37.50
CA LYS D 12 2.67 1.89 37.61
C LYS D 12 3.86 2.54 38.29
N GLU D 13 4.42 1.87 39.30
CA GLU D 13 5.62 2.42 39.94
C GLU D 13 6.79 2.48 38.97
N GLU D 14 6.95 1.46 38.12
CA GLU D 14 8.04 1.51 37.14
C GLU D 14 7.78 2.58 36.08
N ILE D 15 6.52 2.76 35.68
CA ILE D 15 6.18 3.86 34.76
C ILE D 15 6.57 5.21 35.37
N ARG D 16 6.19 5.43 36.64
CA ARG D 16 6.54 6.70 37.29
C ARG D 16 8.06 6.91 37.33
N ARG D 17 8.81 5.83 37.54
CA ARG D 17 10.27 5.94 37.55
C ARG D 17 10.82 6.27 36.17
N GLN D 18 10.32 5.59 35.12
CA GLN D 18 10.80 5.87 33.77
C GLN D 18 10.40 7.28 33.33
N GLU D 19 9.20 7.73 33.67
CA GLU D 19 8.79 9.08 33.28
C GLU D 19 9.63 10.14 33.97
N PHE D 20 10.08 9.86 35.20
CA PHE D 20 11.01 10.78 35.86
C PHE D 20 12.32 10.85 35.10
N LEU D 21 12.86 9.69 34.71
N LEU D 21 12.86 9.69 34.69
CA LEU D 21 14.09 9.66 33.92
CA LEU D 21 14.09 9.68 33.93
C LEU D 21 13.90 10.38 32.59
C LEU D 21 13.91 10.35 32.57
N LEU D 22 12.74 10.18 31.95
CA LEU D 22 12.47 10.85 30.67
C LEU D 22 12.46 12.36 30.84
N ASN D 23 11.78 12.86 31.87
CA ASN D 23 11.74 14.29 32.11
C ASN D 23 13.13 14.85 32.37
N SER D 24 13.98 14.09 33.07
CA SER D 24 15.34 14.57 33.34
C SER D 24 16.16 14.62 32.06
N LEU D 25 15.94 13.65 31.16
CA LEU D 25 16.60 13.64 29.87
C LEU D 25 16.17 14.84 29.03
N HIS D 26 14.87 15.16 29.02
CA HIS D 26 14.39 16.32 28.28
C HIS D 26 14.99 17.61 28.82
N ARG D 27 15.07 17.74 30.15
CA ARG D 27 15.69 18.92 30.74
C ARG D 27 17.13 19.08 30.25
N ASP D 28 17.87 17.98 30.16
CA ASP D 28 19.24 18.06 29.65
C ASP D 28 19.25 18.39 28.16
N LEU D 29 18.36 17.77 27.37
CA LEU D 29 18.41 17.92 25.92
C LEU D 29 17.89 19.27 25.42
N GLN D 30 17.09 19.98 26.22
CA GLN D 30 16.51 21.25 25.81
C GLN D 30 17.53 22.37 25.70
N GLY D 31 18.79 22.11 26.05
CA GLY D 31 19.83 23.08 25.77
C GLY D 31 20.19 23.18 24.30
N GLY D 32 19.76 22.21 23.49
CA GLY D 32 19.95 22.27 22.05
C GLY D 32 21.31 21.84 21.56
N ILE D 33 22.18 21.37 22.43
CA ILE D 33 23.49 20.88 22.03
C ILE D 33 23.37 19.39 21.73
N LYS D 34 23.85 18.99 20.56
CA LYS D 34 23.69 17.62 20.11
C LYS D 34 24.34 16.66 21.10
N ASP D 35 23.64 15.57 21.40
CA ASP D 35 24.12 14.56 22.35
C ASP D 35 23.46 13.24 21.94
N LEU D 36 24.11 12.53 21.03
CA LEU D 36 23.53 11.32 20.47
C LEU D 36 23.35 10.23 21.52
N SER D 37 24.25 10.19 22.51
CA SER D 37 24.13 9.19 23.57
C SER D 37 22.90 9.43 24.43
N LYS D 38 22.61 10.68 24.77
CA LYS D 38 21.43 10.99 25.56
C LYS D 38 20.15 10.79 24.75
N GLU D 39 20.18 11.16 23.47
CA GLU D 39 19.04 10.90 22.61
C GLU D 39 18.74 9.40 22.52
N SER D 40 19.80 8.59 22.41
N SER D 40 19.80 8.59 22.41
CA SER D 40 19.60 7.14 22.36
CA SER D 40 19.61 7.14 22.37
C SER D 40 18.98 6.64 23.66
C SER D 40 18.98 6.64 23.66
N ARG D 41 19.42 7.17 24.80
CA ARG D 41 18.83 6.78 26.08
C ARG D 41 17.37 7.21 26.16
N MET D 42 17.04 8.36 25.59
CA MET D 42 15.65 8.82 25.57
C MET D 42 14.76 7.86 24.79
N TRP D 43 15.20 7.46 23.59
CA TRP D 43 14.41 6.50 22.82
C TRP D 43 14.25 5.18 23.57
N GLU D 44 15.29 4.73 24.27
CA GLU D 44 15.19 3.51 25.04
C GLU D 44 14.17 3.64 26.17
N VAL D 45 14.20 4.76 26.90
CA VAL D 45 13.21 4.97 27.96
C VAL D 45 11.80 4.97 27.38
N LEU D 46 11.61 5.61 26.23
CA LEU D 46 10.31 5.58 25.58
C LEU D 46 9.90 4.16 25.20
N ARG D 47 10.83 3.35 24.70
CA ARG D 47 10.51 1.97 24.35
C ARG D 47 10.05 1.21 25.59
N ILE D 48 10.72 1.44 26.72
CA ILE D 48 10.33 0.78 27.97
C ILE D 48 8.94 1.25 28.41
N LEU D 49 8.69 2.57 28.34
CA LEU D 49 7.38 3.10 28.70
C LEU D 49 6.28 2.54 27.82
N THR D 50 6.53 2.47 26.51
CA THR D 50 5.55 1.89 25.59
C THR D 50 5.26 0.44 25.97
N ALA D 51 6.31 -0.32 26.26
CA ALA D 51 6.13 -1.72 26.66
C ALA D 51 5.36 -1.83 27.97
N LEU D 52 5.67 -0.96 28.94
CA LEU D 52 5.01 -1.02 30.24
C LEU D 52 3.53 -0.69 30.11
N ARG D 53 3.20 0.33 29.32
CA ARG D 53 1.80 0.73 29.18
C ARG D 53 0.99 -0.36 28.50
N ARG D 54 1.60 -1.13 27.60
CA ARG D 54 0.89 -2.25 27.00
C ARG D 54 0.67 -3.36 28.01
N LYS D 55 1.68 -3.62 28.85
CA LYS D 55 1.50 -4.58 29.94
C LYS D 55 0.42 -4.12 30.90
N LEU D 56 0.31 -2.80 31.13
CA LEU D 56 -0.66 -2.29 32.09
C LEU D 56 -2.09 -2.60 31.68
N ARG D 57 -2.38 -2.53 30.37
CA ARG D 57 -3.70 -2.88 29.87
C ARG D 57 -3.98 -4.38 29.99
PG GNP E . -2.38 11.44 18.25
O1G GNP E . -1.63 10.38 18.96
O2G GNP E . -3.41 12.08 19.21
O3G GNP E . -1.38 12.44 17.69
N3B GNP E . -3.27 10.73 17.00
PB GNP E . -2.65 9.72 15.87
O1B GNP E . -1.63 8.75 16.41
O2B GNP E . -2.08 10.46 14.72
O3A GNP E . -3.94 8.92 15.34
PA GNP E . -4.35 7.41 15.68
O1A GNP E . -3.34 6.48 15.05
O2A GNP E . -4.60 7.24 17.14
O5' GNP E . -5.71 7.27 14.90
C5' GNP E . -6.79 8.20 15.09
C4' GNP E . -8.08 7.51 14.74
O4' GNP E . -8.16 7.28 13.32
C3' GNP E . -8.30 6.15 15.40
O3' GNP E . -9.70 6.00 15.68
C2' GNP E . -7.84 5.17 14.31
O2' GNP E . -8.47 3.90 14.36
C1' GNP E . -8.29 5.90 13.04
N9 GNP E . -7.46 5.60 11.88
C8 GNP E . -6.10 5.73 11.79
N7 GNP E . -5.61 5.41 10.61
C5 GNP E . -6.74 5.04 9.87
C6 GNP E . -6.87 4.60 8.50
O6 GNP E . -5.98 4.45 7.68
N1 GNP E . -8.20 4.37 8.15
C2 GNP E . -9.26 4.52 9.00
N2 GNP E . -10.47 4.24 8.50
N3 GNP E . -9.16 4.92 10.27
C4 GNP E . -7.88 5.17 10.63
MG MG F . -0.88 8.59 18.36
C1 GOL G . -1.54 4.68 20.56
O1 GOL G . -0.77 3.51 20.46
C2 GOL G . -1.78 4.93 22.08
O2 GOL G . -1.57 3.78 22.85
C3 GOL G . -0.83 6.08 22.47
O3 GOL G . 0.25 6.08 21.56
PG GNP H . -5.68 -3.14 -5.55
O1G GNP H . -5.58 -1.92 -4.64
O2G GNP H . -6.99 -3.21 -6.25
O3G GNP H . -4.52 -3.25 -6.56
N3B GNP H . -5.61 -4.52 -4.56
PB GNP H . -5.45 -6.06 -5.09
O1B GNP H . -4.46 -6.15 -6.21
O2B GNP H . -6.77 -6.69 -5.40
O3A GNP H . -4.84 -6.83 -3.83
PA GNP H . -3.37 -7.32 -3.53
O1A GNP H . -3.04 -8.45 -4.49
O2A GNP H . -2.41 -6.19 -3.54
O5' GNP H . -3.52 -7.95 -2.08
C5' GNP H . -4.00 -7.15 -0.97
C4' GNP H . -3.50 -7.76 0.32
O4' GNP H . -4.12 -9.05 0.50
C3' GNP H . -1.99 -7.99 0.41
O3' GNP H . -1.51 -7.66 1.71
C2' GNP H . -1.85 -9.46 0.06
O2' GNP H . -0.71 -10.08 0.67
C1' GNP H . -3.12 -10.05 0.65
N9 GNP H . -3.59 -11.27 -0.01
C8 GNP H . -3.89 -11.40 -1.35
N7 GNP H . -4.30 -12.60 -1.68
C5 GNP H . -4.23 -13.31 -0.48
C6 GNP H . -4.55 -14.68 -0.19
O6 GNP H . -4.96 -15.54 -0.99
N1 GNP H . -4.37 -14.98 1.16
C2 GNP H . -3.93 -14.09 2.10
N2 GNP H . -3.81 -14.55 3.36
N3 GNP H . -3.65 -12.81 1.84
C4 GNP H . -3.81 -12.49 0.55
MG MG I . -3.44 -4.73 -7.24
C1 GOL J . -0.06 2.82 -15.02
O1 GOL J . 0.92 1.85 -14.83
C2 GOL J . 0.57 4.17 -14.60
O2 GOL J . 1.94 4.20 -14.85
C3 GOL J . -0.23 5.23 -15.41
O3 GOL J . 0.38 6.47 -15.24
#